data_3TZS
#
_entry.id   3TZS
#
_cell.length_a   115.350
_cell.length_b   115.350
_cell.length_c   119.890
_cell.angle_alpha   90.000
_cell.angle_beta   90.000
_cell.angle_gamma   90.000
#
_symmetry.space_group_name_H-M   'P 41 21 2'
#
loop_
_entity.id
_entity.type
_entity.pdbx_description
1 polymer 'Neutrophil gelatinase-associated lipocalin'
2 non-polymer 1-phenylurea
3 non-polymer 'SULFATE ION'
4 non-polymer 'CHLORIDE ION'
5 non-polymer 1,2-ETHANEDIOL
6 water water
#
_entity_poly.entity_id   1
_entity_poly.type   'polypeptide(L)'
_entity_poly.pdbx_seq_one_letter_code
;GQDSTSDLIPAPPLSKVPLQQNFQDNQFQGKWYVVGLAGNAILREDKDPQKMYATIYELKEDKSYNVTSVLFRKKKCDYW
IRTFVPGSQPGEFTLGNIKSYPGLTSYLVRVVSTNYNQHAMVFFKKVSQNREYFKITLYGRTKELTSELKENFIRFSKSL
GLPENHIVFPVPIDQCIDGIVTD
;
_entity_poly.pdbx_strand_id   A,B,C
#
# COMPACT_ATOMS: atom_id res chain seq x y z
N THR A 5 18.66 34.87 4.71
CA THR A 5 18.18 34.15 5.93
C THR A 5 17.35 32.88 5.58
N SER A 6 17.27 31.94 6.53
CA SER A 6 16.77 30.58 6.27
C SER A 6 16.61 29.82 7.60
N ASP A 7 15.45 29.25 7.85
CA ASP A 7 15.22 28.41 9.05
C ASP A 7 14.94 26.97 8.70
N LEU A 8 15.65 26.05 9.30
CA LEU A 8 15.50 24.64 8.94
C LEU A 8 15.37 23.68 10.13
N ILE A 9 14.54 22.67 9.98
CA ILE A 9 14.48 21.59 10.94
C ILE A 9 15.83 20.87 10.91
N PRO A 10 16.48 20.71 12.07
CA PRO A 10 17.85 20.15 12.08
C PRO A 10 17.91 18.71 11.58
N ALA A 11 19.01 18.34 10.92
CA ALA A 11 19.25 16.97 10.50
C ALA A 11 19.25 16.11 11.73
N PRO A 12 18.66 14.92 11.65
CA PRO A 12 18.79 14.01 12.77
C PRO A 12 20.25 13.52 12.89
N PRO A 13 20.67 13.11 14.10
CA PRO A 13 21.98 12.43 14.22
C PRO A 13 21.88 11.06 13.58
N LEU A 14 22.97 10.61 12.96
CA LEU A 14 22.95 9.36 12.21
C LEU A 14 22.56 8.15 13.03
N SER A 15 22.68 8.23 14.35
CA SER A 15 22.34 7.09 15.19
C SER A 15 20.86 6.78 15.14
N LYS A 16 20.07 7.76 14.68
CA LYS A 16 18.62 7.61 14.57
C LYS A 16 18.16 7.11 13.19
N VAL A 17 19.12 6.95 12.28
CA VAL A 17 18.82 6.53 10.94
C VAL A 17 19.33 5.11 10.74
N PRO A 18 18.45 4.10 10.74
CA PRO A 18 18.96 2.73 10.56
C PRO A 18 19.59 2.48 9.21
N LEU A 19 20.39 1.42 9.15
CA LEU A 19 21.00 0.96 7.95
C LEU A 19 20.44 -0.40 7.55
N GLN A 20 20.08 -0.58 6.26
CA GLN A 20 19.72 -1.93 5.75
C GLN A 20 20.81 -2.93 6.11
N GLN A 21 20.44 -3.97 6.85
CA GLN A 21 21.40 -5.04 7.16
C GLN A 21 21.79 -5.81 5.89
N ASN A 22 23.05 -6.24 5.81
CA ASN A 22 23.58 -7.05 4.69
CA ASN A 22 23.45 -7.15 4.75
C ASN A 22 23.10 -6.57 3.33
N PHE A 23 23.32 -5.27 3.09
CA PHE A 23 22.95 -4.60 1.84
C PHE A 23 23.53 -5.28 0.60
N GLN A 24 22.68 -5.47 -0.42
CA GLN A 24 23.07 -6.14 -1.67
C GLN A 24 23.12 -5.15 -2.82
N ASP A 25 24.30 -4.66 -3.14
CA ASP A 25 24.41 -3.57 -4.09
C ASP A 25 23.84 -3.92 -5.47
N ASN A 26 24.06 -5.14 -5.94
CA ASN A 26 23.63 -5.40 -7.28
C ASN A 26 22.12 -5.62 -7.38
N GLN A 27 21.48 -6.01 -6.29
CA GLN A 27 20.00 -6.13 -6.30
C GLN A 27 19.28 -4.79 -6.25
N PHE A 28 19.97 -3.73 -5.81
CA PHE A 28 19.37 -2.42 -5.68
C PHE A 28 19.29 -1.70 -7.03
N GLN A 29 20.00 -2.24 -8.02
CA GLN A 29 20.02 -1.69 -9.35
C GLN A 29 18.65 -1.58 -10.04
N GLY A 30 18.60 -0.72 -11.06
CA GLY A 30 17.41 -0.60 -11.88
C GLY A 30 16.64 0.65 -11.58
N LYS A 31 15.43 0.71 -12.13
CA LYS A 31 14.57 1.85 -11.99
C LYS A 31 13.75 1.79 -10.67
N TRP A 32 13.71 2.91 -9.97
CA TRP A 32 12.82 3.07 -8.83
C TRP A 32 12.03 4.31 -9.02
N TYR A 33 10.74 4.25 -8.68
CA TYR A 33 9.88 5.42 -8.74
C TYR A 33 9.89 6.14 -7.40
N VAL A 34 9.83 7.47 -7.41
CA VAL A 34 9.81 8.20 -6.15
C VAL A 34 8.37 8.29 -5.65
N VAL A 35 8.04 7.42 -4.72
CA VAL A 35 6.64 7.27 -4.28
C VAL A 35 6.35 8.23 -3.15
N GLY A 36 7.34 8.47 -2.32
CA GLY A 36 7.20 9.37 -1.21
C GLY A 36 8.47 10.20 -1.06
N LEU A 37 8.30 11.42 -0.57
CA LEU A 37 9.41 12.29 -0.43
C LEU A 37 9.23 13.18 0.84
N ALA A 38 10.25 13.30 1.68
CA ALA A 38 10.18 14.12 2.92
C ALA A 38 11.53 14.73 3.26
N GLY A 39 11.51 15.94 3.79
CA GLY A 39 12.77 16.59 4.10
C GLY A 39 12.55 17.96 4.68
N ASN A 40 13.63 18.51 5.23
CA ASN A 40 13.52 19.84 5.85
C ASN A 40 13.34 20.96 4.83
N ALA A 41 13.57 20.66 3.56
CA ALA A 41 13.32 21.67 2.54
C ALA A 41 12.22 21.22 1.61
N ILE A 42 11.55 20.12 1.94
CA ILE A 42 10.41 19.66 1.14
C ILE A 42 9.14 20.25 1.77
N LEU A 43 8.35 20.93 0.95
CA LEU A 43 7.08 21.47 1.42
C LEU A 43 5.90 20.98 0.57
N ARG A 44 4.82 20.57 1.24
CA ARG A 44 3.58 20.23 0.53
C ARG A 44 2.97 21.51 -0.08
N GLU A 45 2.80 21.51 -1.40
CA GLU A 45 2.24 22.67 -2.11
C GLU A 45 1.05 22.26 -2.98
N ASP A 46 -0.15 22.48 -2.44
CA ASP A 46 -1.42 22.05 -3.06
C ASP A 46 -1.81 22.80 -4.33
N LYS A 47 -1.44 24.09 -4.39
CA LYS A 47 -1.55 24.86 -5.62
C LYS A 47 -0.87 24.09 -6.76
N ASP A 48 0.37 23.65 -6.55
CA ASP A 48 1.17 22.97 -7.59
C ASP A 48 1.81 21.62 -7.13
N PRO A 49 1.02 20.52 -7.10
CA PRO A 49 1.49 19.27 -6.46
C PRO A 49 2.65 18.63 -7.20
N GLN A 50 3.64 18.16 -6.45
CA GLN A 50 4.81 17.55 -7.03
C GLN A 50 4.45 16.33 -7.89
N LYS A 51 5.04 16.26 -9.09
CA LYS A 51 4.85 15.11 -9.98
C LYS A 51 5.87 14.00 -9.68
N MET A 52 5.49 12.73 -9.83
CA MET A 52 6.43 11.62 -9.69
C MET A 52 7.60 11.70 -10.65
N TYR A 53 8.78 11.35 -10.18
CA TYR A 53 9.94 11.19 -11.04
C TYR A 53 10.61 9.85 -10.70
N ALA A 54 11.65 9.49 -11.45
CA ALA A 54 12.25 8.16 -11.32
C ALA A 54 13.76 8.26 -11.21
N THR A 55 14.35 7.25 -10.57
CA THR A 55 15.77 7.25 -10.37
C THR A 55 16.28 5.86 -10.66
N ILE A 56 17.30 5.77 -11.53
CA ILE A 56 17.92 4.52 -11.95
C ILE A 56 19.32 4.37 -11.37
N TYR A 57 19.57 3.24 -10.73
CA TYR A 57 20.86 2.94 -10.16
C TYR A 57 21.53 1.86 -11.01
N GLU A 58 22.76 2.14 -11.47
CA GLU A 58 23.56 1.16 -12.20
C GLU A 58 24.93 1.05 -11.55
N LEU A 59 25.32 -0.20 -11.25
CA LEU A 59 26.70 -0.50 -10.80
C LEU A 59 27.73 -0.32 -11.91
N LYS A 60 28.78 0.44 -11.61
CA LYS A 60 29.92 0.52 -12.51
C LYS A 60 30.90 -0.59 -12.13
N GLU A 61 31.91 -0.78 -12.97
CA GLU A 61 32.96 -1.78 -12.73
C GLU A 61 33.58 -1.64 -11.33
N ASP A 62 33.76 -0.40 -10.86
CA ASP A 62 34.37 -0.15 -9.56
C ASP A 62 33.37 -0.25 -8.40
N LYS A 63 32.11 -0.52 -8.72
CA LYS A 63 31.07 -0.69 -7.68
C LYS A 63 30.58 0.63 -7.06
N SER A 64 30.91 1.75 -7.70
CA SER A 64 30.14 2.98 -7.49
C SER A 64 28.89 2.82 -8.30
N TYR A 65 27.90 3.65 -7.99
CA TYR A 65 26.70 3.70 -8.80
C TYR A 65 26.70 4.92 -9.68
N ASN A 66 26.32 4.75 -10.94
CA ASN A 66 25.77 5.84 -11.73
C ASN A 66 24.29 5.93 -11.44
N VAL A 67 23.87 7.11 -11.01
CA VAL A 67 22.51 7.35 -10.54
C VAL A 67 21.91 8.45 -11.40
N THR A 68 20.94 8.06 -12.24
CA THR A 68 20.30 8.98 -13.14
C THR A 68 18.84 9.22 -12.76
N SER A 69 18.44 10.48 -12.64
CA SER A 69 17.05 10.80 -12.42
C SER A 69 16.41 11.46 -13.64
N VAL A 70 15.13 11.18 -13.85
CA VAL A 70 14.41 11.87 -14.90
C VAL A 70 13.11 12.43 -14.35
N LEU A 71 12.80 13.67 -14.73
CA LEU A 71 11.56 14.28 -14.38
C LEU A 71 10.94 15.00 -15.58
N PHE A 72 9.62 15.14 -15.55
CA PHE A 72 8.85 15.85 -16.55
C PHE A 72 8.68 17.26 -16.03
N ARG A 73 9.33 18.23 -16.65
CA ARG A 73 9.22 19.67 -16.30
C ARG A 73 9.13 20.49 -17.57
N LYS A 74 8.21 21.44 -17.56
CA LYS A 74 8.01 22.40 -18.64
C LYS A 74 7.95 21.64 -19.97
N LYS A 75 7.13 20.58 -19.96
CA LYS A 75 6.80 19.81 -21.16
C LYS A 75 7.98 18.96 -21.74
N LYS A 76 9.07 18.85 -20.99
CA LYS A 76 10.18 18.00 -21.41
C LYS A 76 10.72 17.06 -20.31
N CYS A 77 11.59 16.14 -20.74
CA CYS A 77 12.27 15.23 -19.83
C CYS A 77 13.65 15.80 -19.45
N ASP A 78 13.89 16.01 -18.15
CA ASP A 78 15.17 16.53 -17.64
C ASP A 78 15.91 15.41 -16.96
N TYR A 79 17.17 15.24 -17.34
CA TYR A 79 18.00 14.18 -16.76
C TYR A 79 19.07 14.77 -15.89
N TRP A 80 19.31 14.16 -14.74
CA TRP A 80 20.50 14.53 -13.97
C TRP A 80 21.19 13.33 -13.38
N ILE A 81 22.50 13.42 -13.34
CA ILE A 81 23.37 12.30 -13.09
C ILE A 81 24.24 12.60 -11.87
N ARG A 82 24.42 11.59 -11.04
CA ARG A 82 25.32 11.71 -9.92
CA ARG A 82 25.25 11.69 -9.87
C ARG A 82 26.02 10.38 -9.74
N THR A 83 27.12 10.41 -8.98
CA THR A 83 27.88 9.20 -8.71
C THR A 83 27.85 8.97 -7.21
N PHE A 84 27.35 7.82 -6.81
CA PHE A 84 27.38 7.43 -5.41
C PHE A 84 28.57 6.45 -5.24
N VAL A 85 29.53 6.84 -4.41
CA VAL A 85 30.74 6.12 -4.05
C VAL A 85 30.56 5.39 -2.70
N PRO A 86 30.86 4.07 -2.63
CA PRO A 86 30.65 3.29 -1.39
C PRO A 86 31.30 3.94 -0.18
N GLY A 87 30.58 4.03 0.94
CA GLY A 87 31.10 4.64 2.13
C GLY A 87 31.66 3.60 3.09
N SER A 88 31.63 3.92 4.38
CA SER A 88 32.33 3.12 5.36
C SER A 88 31.68 1.75 5.59
N GLN A 89 30.39 1.64 5.32
CA GLN A 89 29.73 0.33 5.38
C GLN A 89 28.66 0.10 4.30
N PRO A 90 28.36 -1.17 4.01
CA PRO A 90 27.53 -1.46 2.84
C PRO A 90 26.17 -0.81 3.02
N GLY A 91 25.73 -0.12 1.97
CA GLY A 91 24.48 0.63 2.02
C GLY A 91 24.64 2.12 2.29
N GLU A 92 25.88 2.57 2.55
CA GLU A 92 26.22 3.98 2.70
C GLU A 92 27.04 4.46 1.49
N PHE A 93 26.84 5.72 1.09
CA PHE A 93 27.58 6.30 -0.02
C PHE A 93 27.86 7.78 0.23
N THR A 94 28.93 8.26 -0.40
CA THR A 94 29.16 9.70 -0.55
C THR A 94 29.07 10.05 -2.05
N LEU A 95 29.00 11.34 -2.35
CA LEU A 95 28.85 11.84 -3.70
C LEU A 95 30.22 11.94 -4.34
N GLY A 96 30.42 11.33 -5.52
CA GLY A 96 31.69 11.49 -6.25
C GLY A 96 31.78 12.87 -6.91
N ASN A 97 33.01 13.29 -7.23
CA ASN A 97 33.30 14.57 -7.90
CA ASN A 97 33.22 14.56 -7.94
C ASN A 97 32.58 15.75 -7.23
N ILE A 98 32.60 15.78 -5.91
CA ILE A 98 31.98 16.86 -5.12
C ILE A 98 32.40 18.28 -5.55
N LYS A 99 33.65 18.47 -6.01
CA LYS A 99 34.15 19.81 -6.39
C LYS A 99 33.40 20.37 -7.60
N SER A 100 32.82 19.50 -8.41
CA SER A 100 32.05 19.97 -9.52
C SER A 100 30.66 20.50 -9.14
N TYR A 101 30.30 20.53 -7.86
CA TYR A 101 29.00 21.10 -7.44
C TYR A 101 29.22 22.34 -6.57
N PRO A 102 29.03 23.55 -7.16
CA PRO A 102 29.40 24.77 -6.43
C PRO A 102 28.51 24.91 -5.20
N GLY A 103 29.13 25.15 -4.04
CA GLY A 103 28.40 25.33 -2.81
C GLY A 103 28.28 24.10 -1.92
N LEU A 104 28.65 22.93 -2.45
CA LEU A 104 28.36 21.67 -1.78
C LEU A 104 29.60 21.17 -1.07
N THR A 105 29.52 21.04 0.26
CA THR A 105 30.69 20.63 1.04
C THR A 105 30.54 19.27 1.70
N SER A 106 29.37 18.66 1.56
CA SER A 106 29.14 17.39 2.18
C SER A 106 27.91 16.72 1.60
N TYR A 107 27.91 15.40 1.49
CA TYR A 107 26.77 14.68 0.92
C TYR A 107 26.83 13.24 1.33
N LEU A 108 25.78 12.74 1.96
CA LEU A 108 25.76 11.39 2.50
C LEU A 108 24.48 10.68 2.10
N VAL A 109 24.58 9.38 1.82
CA VAL A 109 23.44 8.55 1.48
C VAL A 109 23.43 7.32 2.35
N ARG A 110 22.29 6.99 2.94
CA ARG A 110 22.21 5.74 3.67
C ARG A 110 20.89 5.03 3.33
N VAL A 111 20.98 3.81 2.80
CA VAL A 111 19.79 2.99 2.56
C VAL A 111 19.25 2.45 3.87
N VAL A 112 17.99 2.79 4.19
CA VAL A 112 17.43 2.50 5.50
C VAL A 112 16.81 1.12 5.50
N SER A 113 16.01 0.82 4.47
CA SER A 113 15.44 -0.50 4.28
C SER A 113 14.98 -0.68 2.85
N THR A 114 15.08 -1.92 2.40
CA THR A 114 14.62 -2.29 1.10
C THR A 114 14.41 -3.80 1.07
N ASN A 115 13.46 -4.25 0.25
CA ASN A 115 13.34 -5.65 -0.13
C ASN A 115 13.77 -5.87 -1.59
N TYR A 116 14.37 -4.85 -2.19
CA TYR A 116 14.98 -4.89 -3.55
C TYR A 116 14.01 -4.95 -4.73
N ASN A 117 12.89 -5.65 -4.55
CA ASN A 117 11.98 -5.86 -5.68
C ASN A 117 10.61 -5.19 -5.62
N GLN A 118 10.36 -4.46 -4.52
CA GLN A 118 9.15 -3.66 -4.38
C GLN A 118 9.34 -2.27 -3.79
N HIS A 119 10.11 -2.18 -2.70
CA HIS A 119 10.22 -0.92 -1.97
C HIS A 119 11.61 -0.67 -1.38
N ALA A 120 11.94 0.61 -1.23
CA ALA A 120 13.14 1.05 -0.51
C ALA A 120 12.85 2.37 0.16
N MET A 121 13.58 2.65 1.24
CA MET A 121 13.53 3.95 1.92
C MET A 121 14.99 4.41 2.06
N VAL A 122 15.32 5.60 1.55
CA VAL A 122 16.71 5.99 1.54
C VAL A 122 16.84 7.37 2.16
N PHE A 123 17.91 7.57 2.92
CA PHE A 123 18.11 8.82 3.63
C PHE A 123 19.27 9.56 3.02
N PHE A 124 19.07 10.85 2.76
CA PHE A 124 20.11 11.74 2.18
C PHE A 124 20.36 12.94 3.12
N LYS A 125 21.63 13.28 3.33
CA LYS A 125 21.98 14.49 4.08
C LYS A 125 23.04 15.26 3.33
N LYS A 126 22.92 16.57 3.27
CA LYS A 126 23.93 17.32 2.57
C LYS A 126 24.18 18.69 3.17
N VAL A 127 25.35 19.27 2.87
CA VAL A 127 25.61 20.64 3.31
C VAL A 127 25.86 21.46 2.09
N SER A 128 25.00 22.45 1.89
CA SER A 128 25.03 23.28 0.72
C SER A 128 24.90 24.75 1.13
N GLN A 129 25.82 25.58 0.64
CA GLN A 129 25.97 26.96 1.14
C GLN A 129 26.00 26.99 2.67
N ASN A 130 26.76 26.07 3.28
CA ASN A 130 26.84 25.86 4.74
C ASN A 130 25.53 25.58 5.47
N ARG A 131 24.46 25.24 4.73
CA ARG A 131 23.19 24.86 5.35
C ARG A 131 22.98 23.35 5.24
N GLU A 132 22.40 22.76 6.28
CA GLU A 132 22.28 21.34 6.35
C GLU A 132 20.89 20.81 5.95
N TYR A 133 20.81 20.13 4.83
CA TYR A 133 19.54 19.60 4.35
C TYR A 133 19.47 18.09 4.55
N PHE A 134 18.26 17.57 4.78
CA PHE A 134 18.08 16.11 4.73
C PHE A 134 16.80 15.76 4.05
N LYS A 135 16.80 14.60 3.36
CA LYS A 135 15.56 14.04 2.86
C LYS A 135 15.50 12.53 2.99
N ILE A 136 14.27 12.03 3.01
CA ILE A 136 14.02 10.63 2.93
C ILE A 136 13.20 10.42 1.70
N THR A 137 13.61 9.45 0.90
CA THR A 137 12.90 9.03 -0.30
C THR A 137 12.24 7.67 -0.07
N LEU A 138 10.96 7.56 -0.39
CA LEU A 138 10.31 6.26 -0.42
C LEU A 138 10.25 5.87 -1.88
N TYR A 139 11.05 4.88 -2.25
CA TYR A 139 11.06 4.31 -3.62
C TYR A 139 10.13 3.10 -3.76
N GLY A 140 9.49 2.96 -4.92
CA GLY A 140 8.79 1.75 -5.27
C GLY A 140 9.23 1.27 -6.65
N ARG A 141 9.24 -0.05 -6.84
CA ARG A 141 9.48 -0.59 -8.17
C ARG A 141 8.30 -0.34 -9.10
N THR A 142 7.08 -0.20 -8.53
CA THR A 142 5.91 0.28 -9.26
C THR A 142 5.51 1.69 -8.71
N LYS A 143 4.57 2.35 -9.39
CA LYS A 143 4.11 3.68 -9.02
C LYS A 143 3.17 3.73 -7.80
N GLU A 144 2.62 2.61 -7.39
CA GLU A 144 1.77 2.65 -6.22
C GLU A 144 2.36 1.75 -5.16
N LEU A 145 2.08 2.06 -3.90
CA LEU A 145 2.48 1.15 -2.80
C LEU A 145 1.33 1.08 -1.78
N THR A 146 1.29 -0.02 -1.03
CA THR A 146 0.32 -0.24 0.03
C THR A 146 0.27 0.93 1.02
N SER A 147 -0.91 1.15 1.57
CA SER A 147 -1.09 2.09 2.65
C SER A 147 -0.11 1.82 3.78
N GLU A 148 0.16 0.56 4.06
CA GLU A 148 1.10 0.20 5.10
C GLU A 148 2.52 0.80 4.90
N LEU A 149 3.10 0.63 3.70
CA LEU A 149 4.40 1.19 3.34
C LEU A 149 4.41 2.71 3.48
N LYS A 150 3.36 3.36 3.00
CA LYS A 150 3.27 4.80 3.11
C LYS A 150 3.19 5.27 4.57
N GLU A 151 2.31 4.65 5.38
CA GLU A 151 2.21 4.99 6.79
C GLU A 151 3.53 4.72 7.54
N ASN A 152 4.21 3.63 7.18
CA ASN A 152 5.53 3.35 7.72
C ASN A 152 6.50 4.52 7.45
N PHE A 153 6.46 5.02 6.22
CA PHE A 153 7.24 6.17 5.78
C PHE A 153 6.87 7.47 6.51
N ILE A 154 5.58 7.71 6.70
CA ILE A 154 5.14 8.87 7.49
C ILE A 154 5.73 8.81 8.93
N ARG A 155 5.61 7.64 9.54
CA ARG A 155 6.10 7.42 10.91
C ARG A 155 7.59 7.63 11.06
N PHE A 156 8.34 7.08 10.11
CA PHE A 156 9.77 7.20 10.12
C PHE A 156 10.19 8.69 9.94
N SER A 157 9.58 9.38 8.97
CA SER A 157 9.85 10.81 8.79
C SER A 157 9.53 11.65 10.02
N LYS A 158 8.40 11.35 10.68
CA LYS A 158 8.06 12.06 11.91
C LYS A 158 9.07 11.74 13.00
N SER A 159 9.56 10.50 13.05
CA SER A 159 10.55 10.16 14.07
C SER A 159 11.85 10.96 13.84
N LEU A 160 12.07 11.49 12.64
CA LEU A 160 13.25 12.30 12.38
C LEU A 160 12.97 13.79 12.58
N GLY A 161 11.76 14.14 13.04
CA GLY A 161 11.41 15.53 13.36
C GLY A 161 10.61 16.24 12.27
N LEU A 162 10.17 15.50 11.25
CA LEU A 162 9.44 16.14 10.18
C LEU A 162 7.95 16.09 10.43
N PRO A 163 7.30 17.27 10.39
CA PRO A 163 5.81 17.29 10.51
C PRO A 163 5.18 16.94 9.15
N GLU A 164 3.87 16.69 9.16
CA GLU A 164 3.11 16.20 8.01
C GLU A 164 3.27 17.07 6.77
N ASN A 165 3.45 18.37 6.97
CA ASN A 165 3.48 19.24 5.83
C ASN A 165 4.85 19.26 5.16
N HIS A 166 5.80 18.55 5.76
CA HIS A 166 7.08 18.31 5.12
C HIS A 166 7.17 16.96 4.43
N ILE A 167 6.02 16.32 4.18
CA ILE A 167 5.94 14.95 3.64
C ILE A 167 5.02 14.94 2.40
N VAL A 168 5.50 14.48 1.24
CA VAL A 168 4.67 14.53 0.04
C VAL A 168 4.69 13.21 -0.70
N PHE A 169 3.58 12.93 -1.37
CA PHE A 169 3.42 11.75 -2.22
C PHE A 169 3.24 12.26 -3.65
N PRO A 170 4.35 12.26 -4.43
CA PRO A 170 4.25 12.80 -5.77
C PRO A 170 3.16 12.08 -6.59
N VAL A 171 2.50 12.82 -7.46
CA VAL A 171 1.42 12.27 -8.26
C VAL A 171 2.03 11.44 -9.39
N PRO A 172 1.58 10.19 -9.54
CA PRO A 172 2.00 9.29 -10.64
C PRO A 172 1.78 9.93 -12.01
N ILE A 173 2.76 9.86 -12.92
CA ILE A 173 2.52 10.31 -14.31
C ILE A 173 3.01 9.26 -15.29
N ASP A 174 2.77 9.48 -16.57
CA ASP A 174 3.29 8.61 -17.60
C ASP A 174 4.48 9.15 -18.37
N GLN A 175 4.60 10.47 -18.50
CA GLN A 175 5.68 11.07 -19.24
C GLN A 175 7.02 10.82 -18.60
N CYS A 176 7.99 10.49 -19.45
CA CYS A 176 9.42 10.42 -19.09
C CYS A 176 9.80 9.22 -18.25
N ILE A 177 8.95 8.82 -17.31
CA ILE A 177 9.33 7.78 -16.34
C ILE A 177 8.96 6.33 -16.71
N ASP A 178 8.35 6.10 -17.87
CA ASP A 178 7.97 4.72 -18.25
C ASP A 178 8.85 3.94 -19.22
N SER B 6 -17.40 33.89 12.86
CA SER B 6 -17.17 32.44 13.09
C SER B 6 -17.08 31.63 11.76
N ASP B 7 -16.15 30.66 11.69
CA ASP B 7 -15.80 29.92 10.45
C ASP B 7 -15.53 28.42 10.66
N LEU B 8 -16.25 27.56 9.93
CA LEU B 8 -16.21 26.11 10.19
C LEU B 8 -16.01 25.26 8.95
N ILE B 9 -15.26 24.17 9.10
CA ILE B 9 -15.21 23.13 8.06
C ILE B 9 -16.64 22.59 7.89
N PRO B 10 -17.16 22.64 6.64
CA PRO B 10 -18.54 22.17 6.37
C PRO B 10 -18.72 20.71 6.79
N ALA B 11 -19.87 20.40 7.37
CA ALA B 11 -20.21 19.01 7.69
C ALA B 11 -20.28 18.18 6.40
N PRO B 12 -19.85 16.90 6.42
CA PRO B 12 -19.95 16.09 5.18
C PRO B 12 -21.39 15.73 4.85
N PRO B 13 -21.69 15.35 3.59
CA PRO B 13 -23.02 14.77 3.36
C PRO B 13 -23.13 13.43 4.10
N LEU B 14 -24.28 13.16 4.73
CA LEU B 14 -24.55 11.87 5.40
C LEU B 14 -24.21 10.68 4.53
N SER B 15 -24.32 10.93 3.24
CA SER B 15 -24.00 9.97 2.21
C SER B 15 -22.55 9.49 2.25
N LYS B 16 -21.63 10.25 2.84
CA LYS B 16 -20.24 9.79 2.95
C LYS B 16 -19.94 9.20 4.35
N VAL B 17 -20.97 9.04 5.19
CA VAL B 17 -20.81 8.44 6.53
C VAL B 17 -21.44 7.04 6.60
N PRO B 18 -20.61 5.99 6.65
CA PRO B 18 -21.24 4.67 6.65
C PRO B 18 -22.01 4.36 7.94
N LEU B 19 -22.89 3.36 7.84
CA LEU B 19 -23.63 2.87 8.98
C LEU B 19 -23.28 1.37 9.22
N GLN B 20 -22.90 1.03 10.44
CA GLN B 20 -22.61 -0.35 10.79
C GLN B 20 -23.79 -1.27 10.38
N GLN B 21 -23.53 -2.27 9.53
CA GLN B 21 -24.58 -3.24 9.18
C GLN B 21 -25.01 -4.05 10.38
N ASN B 22 -26.32 -4.29 10.48
CA ASN B 22 -26.84 -5.23 11.42
C ASN B 22 -26.47 -4.84 12.88
N PHE B 23 -26.59 -3.55 13.17
CA PHE B 23 -26.22 -3.03 14.48
C PHE B 23 -26.89 -3.74 15.66
N GLN B 24 -26.10 -4.08 16.66
CA GLN B 24 -26.63 -4.79 17.83
C GLN B 24 -26.64 -3.88 19.07
N ASP B 25 -27.77 -3.27 19.36
CA ASP B 25 -27.84 -2.35 20.46
C ASP B 25 -27.42 -2.96 21.83
N ASN B 26 -27.80 -4.19 22.15
CA ASN B 26 -27.40 -4.78 23.43
C ASN B 26 -25.89 -5.02 23.61
N GLN B 27 -25.18 -5.33 22.53
CA GLN B 27 -23.75 -5.58 22.62
C GLN B 27 -22.97 -4.27 22.63
N PHE B 28 -23.61 -3.18 22.21
CA PHE B 28 -22.97 -1.88 22.22
C PHE B 28 -22.92 -1.25 23.62
N GLN B 29 -23.69 -1.80 24.56
CA GLN B 29 -23.80 -1.14 25.83
C GLN B 29 -22.58 -1.34 26.72
N GLY B 30 -22.57 -0.67 27.87
CA GLY B 30 -21.40 -0.64 28.73
C GLY B 30 -20.48 0.56 28.53
N LYS B 31 -19.29 0.46 29.15
CA LYS B 31 -18.28 1.50 29.16
C LYS B 31 -17.42 1.48 27.90
N TRP B 32 -17.31 2.65 27.26
CA TRP B 32 -16.33 2.90 26.23
C TRP B 32 -15.45 4.06 26.65
N TYR B 33 -14.14 3.91 26.42
CA TYR B 33 -13.17 4.97 26.67
C TYR B 33 -13.04 5.79 25.41
N VAL B 34 -12.96 7.11 25.56
CA VAL B 34 -12.79 7.96 24.38
C VAL B 34 -11.30 8.05 24.02
N VAL B 35 -10.91 7.28 23.01
CA VAL B 35 -9.52 7.12 22.64
C VAL B 35 -9.11 8.12 21.55
N GLY B 36 -10.10 8.60 20.81
CA GLY B 36 -9.84 9.49 19.71
C GLY B 36 -11.04 10.38 19.48
N LEU B 37 -10.75 11.61 19.09
CA LEU B 37 -11.77 12.62 18.98
C LEU B 37 -11.44 13.55 17.81
N ALA B 38 -12.42 13.83 16.96
CA ALA B 38 -12.18 14.67 15.79
C ALA B 38 -13.44 15.40 15.35
N GLY B 39 -13.31 16.64 14.92
CA GLY B 39 -14.47 17.36 14.41
C GLY B 39 -14.17 18.78 14.05
N ASN B 40 -15.14 19.46 13.42
CA ASN B 40 -14.92 20.85 13.01
C ASN B 40 -14.75 21.86 14.15
N ALA B 41 -15.11 21.49 15.37
CA ALA B 41 -14.93 22.36 16.52
C ALA B 41 -13.96 21.78 17.54
N ILE B 42 -13.33 20.66 17.18
CA ILE B 42 -12.33 20.04 18.03
C ILE B 42 -10.98 20.58 17.57
N LEU B 43 -10.21 21.10 18.53
CA LEU B 43 -8.86 21.60 18.24
C LEU B 43 -7.76 20.94 19.07
N ARG B 44 -6.73 20.46 18.39
CA ARG B 44 -5.53 19.98 19.06
C ARG B 44 -4.84 21.19 19.68
N GLU B 45 -4.68 21.17 21.00
CA GLU B 45 -4.04 22.27 21.75
C GLU B 45 -2.88 21.72 22.57
N ASP B 46 -1.67 21.86 22.03
CA ASP B 46 -0.48 21.28 22.63
C ASP B 46 -0.10 21.92 23.98
N LYS B 47 -0.67 23.10 24.27
CA LYS B 47 -0.55 23.77 25.57
C LYS B 47 -1.17 22.93 26.71
N ASP B 48 -2.50 22.87 26.77
CA ASP B 48 -3.19 21.95 27.69
C ASP B 48 -3.87 20.80 26.92
N PRO B 49 -3.23 19.60 26.89
CA PRO B 49 -3.73 18.42 26.16
C PRO B 49 -4.93 17.73 26.82
N GLN B 50 -5.96 17.42 26.02
CA GLN B 50 -7.21 16.84 26.51
C GLN B 50 -7.03 15.52 27.29
N LYS B 51 -7.67 15.43 28.45
CA LYS B 51 -7.68 14.22 29.27
C LYS B 51 -8.78 13.27 28.84
N MET B 52 -8.49 11.97 28.93
CA MET B 52 -9.41 10.92 28.51
C MET B 52 -10.65 10.93 29.40
N TYR B 53 -11.82 10.75 28.81
CA TYR B 53 -13.02 10.55 29.59
C TYR B 53 -13.73 9.29 29.07
N ALA B 54 -14.79 8.87 29.75
CA ALA B 54 -15.48 7.64 29.36
C ALA B 54 -16.98 7.91 29.16
N THR B 55 -17.63 7.06 28.36
CA THR B 55 -19.04 7.19 28.10
C THR B 55 -19.64 5.78 28.23
N ILE B 56 -20.68 5.67 29.05
CA ILE B 56 -21.31 4.39 29.35
C ILE B 56 -22.70 4.39 28.75
N TYR B 57 -22.97 3.38 27.92
CA TYR B 57 -24.28 3.19 27.28
C TYR B 57 -25.10 2.09 27.98
N GLU B 58 -26.27 2.45 28.47
CA GLU B 58 -27.20 1.44 29.03
C GLU B 58 -28.53 1.49 28.34
N LEU B 59 -28.97 0.33 27.88
CA LEU B 59 -30.30 0.14 27.28
C LEU B 59 -31.39 0.26 28.32
N LYS B 60 -32.38 1.10 28.02
CA LYS B 60 -33.56 1.21 28.87
C LYS B 60 -34.59 0.14 28.49
N GLU B 61 -35.57 -0.05 29.37
CA GLU B 61 -36.73 -0.88 29.06
C GLU B 61 -37.36 -0.50 27.70
N ASP B 62 -37.38 0.81 27.40
CA ASP B 62 -37.96 1.34 26.12
C ASP B 62 -37.05 1.31 24.88
N LYS B 63 -35.87 0.69 25.01
CA LYS B 63 -34.95 0.50 23.86
C LYS B 63 -34.06 1.74 23.56
N SER B 64 -34.30 2.85 24.25
CA SER B 64 -33.41 3.98 24.13
C SER B 64 -32.23 3.84 25.10
N TYR B 65 -31.16 4.61 24.85
CA TYR B 65 -29.98 4.63 25.70
C TYR B 65 -29.94 5.77 26.72
N ASN B 66 -29.59 5.39 27.93
CA ASN B 66 -29.10 6.31 28.89
C ASN B 66 -27.59 6.40 28.67
N VAL B 67 -27.10 7.61 28.44
CA VAL B 67 -25.71 7.82 28.08
C VAL B 67 -25.06 8.69 29.13
N THR B 68 -24.15 8.10 29.92
CA THR B 68 -23.47 8.80 31.00
C THR B 68 -22.01 9.00 30.65
N SER B 69 -21.60 10.26 30.60
CA SER B 69 -20.20 10.56 30.42
C SER B 69 -19.59 10.97 31.76
N VAL B 70 -18.36 10.51 31.99
CA VAL B 70 -17.66 10.78 33.22
C VAL B 70 -16.27 11.32 32.90
N LEU B 71 -15.91 12.43 33.53
CA LEU B 71 -14.59 13.02 33.37
C LEU B 71 -14.05 13.60 34.65
N PHE B 72 -12.75 13.84 34.63
CA PHE B 72 -12.03 14.35 35.75
C PHE B 72 -11.75 15.82 35.49
N ARG B 73 -12.44 16.70 36.22
CA ARG B 73 -12.24 18.12 36.09
C ARG B 73 -12.20 18.74 37.47
N LYS B 74 -11.23 19.64 37.68
CA LYS B 74 -11.08 20.40 38.92
C LYS B 74 -11.18 19.50 40.15
N LYS B 75 -10.35 18.46 40.16
CA LYS B 75 -10.20 17.53 41.28
C LYS B 75 -11.45 16.64 41.56
N LYS B 76 -12.42 16.63 40.63
CA LYS B 76 -13.68 15.87 40.82
C LYS B 76 -14.11 15.06 39.62
N CYS B 77 -14.98 14.08 39.87
CA CYS B 77 -15.68 13.31 38.83
C CYS B 77 -16.94 14.04 38.39
N ASP B 78 -17.04 14.36 37.09
CA ASP B 78 -18.24 15.05 36.56
C ASP B 78 -19.03 14.09 35.70
N TYR B 79 -20.35 14.06 35.88
CA TYR B 79 -21.19 13.12 35.17
C TYR B 79 -22.25 13.87 34.35
N TRP B 80 -22.22 13.70 33.02
CA TRP B 80 -23.21 14.29 32.09
C TRP B 80 -24.13 13.19 31.61
N ILE B 81 -25.43 13.31 31.88
CA ILE B 81 -26.42 12.37 31.38
C ILE B 81 -27.18 12.92 30.17
N ARG B 82 -27.38 12.08 29.16
CA ARG B 82 -28.38 12.39 28.14
C ARG B 82 -28.98 11.10 27.58
N THR B 83 -30.02 11.24 26.75
CA THR B 83 -30.72 10.06 26.25
C THR B 83 -30.53 10.00 24.74
N PHE B 84 -30.11 8.84 24.21
CA PHE B 84 -30.17 8.65 22.76
C PHE B 84 -31.41 7.84 22.40
N VAL B 85 -32.26 8.38 21.53
CA VAL B 85 -33.48 7.72 21.10
C VAL B 85 -33.24 7.06 19.74
N PRO B 86 -33.57 5.77 19.60
CA PRO B 86 -33.33 5.10 18.30
C PRO B 86 -33.99 5.84 17.13
N GLY B 87 -33.28 6.03 16.03
CA GLY B 87 -33.82 6.65 14.80
C GLY B 87 -34.50 5.63 13.89
N SER B 88 -34.55 5.92 12.59
CA SER B 88 -35.24 5.01 11.64
C SER B 88 -34.51 3.66 11.44
N GLN B 89 -33.19 3.74 11.43
CA GLN B 89 -32.35 2.58 11.22
C GLN B 89 -31.54 2.19 12.44
N PRO B 90 -31.37 0.87 12.65
CA PRO B 90 -30.58 0.42 13.79
C PRO B 90 -29.17 1.00 13.67
N GLY B 91 -28.71 1.68 14.72
CA GLY B 91 -27.38 2.30 14.73
C GLY B 91 -27.41 3.82 14.63
N GLU B 92 -28.61 4.37 14.52
CA GLU B 92 -28.83 5.81 14.44
C GLU B 92 -29.67 6.26 15.59
N PHE B 93 -29.35 7.44 16.09
CA PHE B 93 -30.09 8.01 17.21
C PHE B 93 -30.28 9.51 17.08
N THR B 94 -31.25 10.02 17.81
CA THR B 94 -31.21 11.42 18.14
C THR B 94 -31.26 11.56 19.64
N LEU B 95 -31.27 12.82 20.06
CA LEU B 95 -31.23 13.16 21.46
C LEU B 95 -32.62 13.17 22.04
N GLY B 96 -32.79 12.45 23.17
CA GLY B 96 -33.99 12.54 23.99
C GLY B 96 -34.15 13.96 24.50
N ASN B 97 -35.39 14.41 24.56
CA ASN B 97 -35.74 15.76 24.99
C ASN B 97 -34.92 16.84 24.30
N ILE B 98 -34.73 16.65 22.99
CA ILE B 98 -33.99 17.59 22.14
C ILE B 98 -34.52 19.00 22.27
N LYS B 99 -35.84 19.11 22.45
CA LYS B 99 -36.51 20.41 22.48
C LYS B 99 -36.11 21.25 23.69
N SER B 100 -35.55 20.62 24.73
CA SER B 100 -35.06 21.33 25.94
C SER B 100 -33.54 21.70 25.98
N TYR B 101 -32.82 21.58 24.87
CA TYR B 101 -31.45 22.11 24.81
C TYR B 101 -31.47 23.43 24.03
N PRO B 102 -31.24 24.56 24.71
CA PRO B 102 -31.43 25.86 24.02
C PRO B 102 -30.49 26.07 22.83
N GLY B 103 -31.04 26.57 21.73
CA GLY B 103 -30.31 26.78 20.50
C GLY B 103 -30.15 25.54 19.61
N LEU B 104 -30.45 24.37 20.15
CA LEU B 104 -30.29 23.12 19.42
C LEU B 104 -31.45 22.86 18.49
N THR B 105 -31.15 22.78 17.18
CA THR B 105 -32.15 22.59 16.14
C THR B 105 -32.27 21.15 15.76
N SER B 106 -31.13 20.49 15.68
CA SER B 106 -30.97 19.26 14.92
C SER B 106 -29.84 18.46 15.56
N TYR B 107 -29.98 17.14 15.61
CA TYR B 107 -28.97 16.30 16.24
C TYR B 107 -29.13 14.85 15.78
N LEU B 108 -28.03 14.28 15.32
CA LEU B 108 -28.05 12.93 14.80
C LEU B 108 -26.81 12.15 15.25
N VAL B 109 -27.02 10.89 15.62
CA VAL B 109 -25.93 9.98 15.94
C VAL B 109 -25.96 8.82 14.96
N ARG B 110 -24.79 8.45 14.45
CA ARG B 110 -24.68 7.28 13.59
C ARG B 110 -23.43 6.45 13.89
N VAL B 111 -23.64 5.20 14.32
CA VAL B 111 -22.52 4.28 14.58
C VAL B 111 -21.98 3.86 13.21
N VAL B 112 -20.74 4.28 12.92
CA VAL B 112 -20.03 4.01 11.66
C VAL B 112 -19.57 2.55 11.59
N SER B 113 -18.86 2.09 12.63
CA SER B 113 -18.40 0.69 12.70
C SER B 113 -17.99 0.32 14.12
N THR B 114 -18.18 -0.94 14.46
CA THR B 114 -17.78 -1.43 15.75
C THR B 114 -17.68 -2.93 15.64
N ASN B 115 -16.92 -3.54 16.54
CA ASN B 115 -16.92 -4.99 16.74
C ASN B 115 -17.37 -5.32 18.16
N TYR B 116 -17.89 -4.31 18.86
CA TYR B 116 -18.58 -4.46 20.16
C TYR B 116 -17.67 -4.69 21.37
N ASN B 117 -16.64 -5.49 21.19
CA ASN B 117 -15.81 -5.86 22.34
C ASN B 117 -14.43 -5.21 22.36
N GLN B 118 -14.15 -4.35 21.39
CA GLN B 118 -12.85 -3.71 21.33
C GLN B 118 -12.93 -2.24 20.90
N HIS B 119 -13.52 -1.99 19.74
CA HIS B 119 -13.52 -0.64 19.17
C HIS B 119 -14.84 -0.23 18.54
N ALA B 120 -15.08 1.08 18.48
CA ALA B 120 -16.24 1.61 17.81
C ALA B 120 -15.85 2.97 17.26
N MET B 121 -16.50 3.33 16.15
CA MET B 121 -16.36 4.66 15.56
C MET B 121 -17.76 5.22 15.37
N VAL B 122 -18.02 6.36 16.02
CA VAL B 122 -19.37 6.95 16.02
C VAL B 122 -19.35 8.39 15.48
N PHE B 123 -20.31 8.69 14.60
CA PHE B 123 -20.43 10.00 13.98
C PHE B 123 -21.58 10.77 14.64
N PHE B 124 -21.35 12.05 14.91
CA PHE B 124 -22.34 12.97 15.46
C PHE B 124 -22.40 14.23 14.59
N LYS B 125 -23.60 14.75 14.37
CA LYS B 125 -23.81 16.01 13.65
C LYS B 125 -24.96 16.71 14.34
N LYS B 126 -24.87 18.03 14.48
CA LYS B 126 -25.92 18.81 15.08
C LYS B 126 -25.92 20.23 14.52
N VAL B 127 -27.08 20.89 14.64
CA VAL B 127 -27.22 22.30 14.27
C VAL B 127 -27.56 23.04 15.56
N SER B 128 -26.67 23.94 15.93
CA SER B 128 -26.74 24.62 17.20
C SER B 128 -26.42 26.08 16.91
N GLN B 129 -27.30 26.98 17.35
CA GLN B 129 -27.20 28.40 16.96
C GLN B 129 -27.04 28.55 15.46
N ASN B 130 -27.81 27.77 14.71
CA ASN B 130 -27.72 27.74 13.26
C ASN B 130 -26.37 27.34 12.67
N ARG B 131 -25.39 26.97 13.50
CA ARG B 131 -24.10 26.48 12.97
C ARG B 131 -24.05 24.91 12.88
N GLU B 132 -23.48 24.35 11.81
CA GLU B 132 -23.47 22.88 11.67
C GLU B 132 -22.20 22.30 12.27
N TYR B 133 -22.33 21.52 13.33
CA TYR B 133 -21.16 20.86 13.95
C TYR B 133 -21.11 19.36 13.65
N PHE B 134 -19.91 18.82 13.55
CA PHE B 134 -19.78 17.39 13.52
C PHE B 134 -18.55 16.93 14.29
N LYS B 135 -18.66 15.75 14.90
CA LYS B 135 -17.52 15.04 15.42
C LYS B 135 -17.56 13.53 15.17
N ILE B 136 -16.40 12.91 15.33
CA ILE B 136 -16.28 11.49 15.26
C ILE B 136 -15.51 11.12 16.52
N THR B 137 -16.03 10.12 17.25
CA THR B 137 -15.37 9.60 18.42
CA THR B 137 -15.33 9.61 18.41
C THR B 137 -14.85 8.19 18.11
N LEU B 138 -13.61 7.93 18.49
CA LEU B 138 -13.06 6.61 18.40
C LEU B 138 -13.18 6.06 19.81
N TYR B 139 -14.04 5.05 19.97
CA TYR B 139 -14.24 4.38 21.26
C TYR B 139 -13.39 3.13 21.39
N GLY B 140 -12.92 2.88 22.60
CA GLY B 140 -12.20 1.67 22.96
C GLY B 140 -12.72 1.02 24.23
N ARG B 141 -12.71 -0.30 24.26
CA ARG B 141 -13.08 -1.00 25.49
C ARG B 141 -11.98 -0.89 26.53
N THR B 142 -10.75 -0.66 26.05
CA THR B 142 -9.61 -0.32 26.92
C THR B 142 -9.06 1.04 26.51
N LYS B 143 -8.05 1.51 27.23
CA LYS B 143 -7.56 2.88 27.05
C LYS B 143 -6.55 3.04 25.94
N GLU B 144 -5.97 1.95 25.48
CA GLU B 144 -5.05 2.02 24.35
C GLU B 144 -5.70 1.27 23.19
N LEU B 145 -5.41 1.67 21.95
CA LEU B 145 -5.78 0.86 20.77
C LEU B 145 -4.59 0.83 19.77
N THR B 146 -4.57 -0.21 18.94
CA THR B 146 -3.49 -0.44 17.95
C THR B 146 -3.26 0.76 17.01
N SER B 147 -2.01 0.91 16.56
CA SER B 147 -1.65 1.89 15.50
C SER B 147 -2.56 1.83 14.28
N GLU B 148 -2.83 0.61 13.80
CA GLU B 148 -3.74 0.36 12.70
C GLU B 148 -5.09 1.07 12.96
N LEU B 149 -5.61 0.93 14.17
CA LEU B 149 -6.89 1.54 14.50
C LEU B 149 -6.78 3.07 14.60
N LYS B 150 -5.71 3.59 15.19
CA LYS B 150 -5.52 5.05 15.20
C LYS B 150 -5.34 5.64 13.78
N GLU B 151 -4.48 5.04 12.94
CA GLU B 151 -4.32 5.51 11.55
C GLU B 151 -5.62 5.41 10.73
N ASN B 152 -6.40 4.36 10.97
CA ASN B 152 -7.67 4.23 10.27
C ASN B 152 -8.63 5.40 10.57
N PHE B 153 -8.62 5.82 11.83
CA PHE B 153 -9.46 6.87 12.35
C PHE B 153 -9.03 8.22 11.78
N ILE B 154 -7.71 8.42 11.69
CA ILE B 154 -7.16 9.61 11.01
C ILE B 154 -7.61 9.64 9.53
N ARG B 155 -7.46 8.51 8.84
CA ARG B 155 -7.81 8.45 7.43
C ARG B 155 -9.30 8.68 7.23
N PHE B 156 -10.14 8.14 8.10
CA PHE B 156 -11.59 8.35 8.01
C PHE B 156 -11.94 9.83 8.24
N SER B 157 -11.40 10.38 9.32
CA SER B 157 -11.54 11.80 9.64
C SER B 157 -11.10 12.72 8.51
N LYS B 158 -9.97 12.41 7.88
CA LYS B 158 -9.50 13.20 6.73
C LYS B 158 -10.46 13.06 5.58
N SER B 159 -11.00 11.87 5.37
CA SER B 159 -11.92 11.69 4.24
C SER B 159 -13.20 12.52 4.44
N LEU B 160 -13.47 12.98 5.67
CA LEU B 160 -14.61 13.85 5.92
C LEU B 160 -14.25 15.34 5.87
N GLY B 161 -12.99 15.64 5.52
CA GLY B 161 -12.54 17.03 5.35
C GLY B 161 -11.75 17.59 6.52
N LEU B 162 -11.48 16.78 7.53
CA LEU B 162 -10.77 17.25 8.71
C LEU B 162 -9.24 17.14 8.58
N PRO B 163 -8.52 18.26 8.75
CA PRO B 163 -7.07 18.18 8.80
C PRO B 163 -6.60 17.77 10.19
N GLU B 164 -5.32 17.38 10.29
CA GLU B 164 -4.72 16.82 11.51
C GLU B 164 -4.83 17.66 12.78
N ASN B 165 -4.82 18.98 12.67
CA ASN B 165 -5.01 19.82 13.86
C ASN B 165 -6.45 19.78 14.44
N HIS B 166 -7.35 19.05 13.77
CA HIS B 166 -8.73 18.86 14.23
C HIS B 166 -8.96 17.44 14.69
N ILE B 167 -7.86 16.70 14.91
CA ILE B 167 -7.86 15.33 15.43
C ILE B 167 -7.06 15.26 16.75
N VAL B 168 -7.63 14.63 17.78
CA VAL B 168 -7.03 14.64 19.14
C VAL B 168 -7.11 13.23 19.73
N PHE B 169 -6.02 12.77 20.36
CA PHE B 169 -5.97 11.49 21.08
C PHE B 169 -5.86 11.74 22.57
N PRO B 170 -6.99 11.78 23.27
CA PRO B 170 -6.96 12.17 24.68
C PRO B 170 -6.00 11.28 25.45
N VAL B 171 -5.26 11.90 26.37
CA VAL B 171 -4.26 11.21 27.18
C VAL B 171 -4.96 10.36 28.24
N PRO B 172 -4.62 9.06 28.32
CA PRO B 172 -5.16 8.12 29.32
C PRO B 172 -4.96 8.57 30.78
N ILE B 173 -5.96 8.41 31.63
CA ILE B 173 -5.84 8.81 33.04
C ILE B 173 -6.44 7.72 33.91
N ASP B 174 -6.37 7.88 35.24
CA ASP B 174 -6.90 6.86 36.15
C ASP B 174 -8.12 7.26 36.96
N GLN B 175 -8.27 8.54 37.27
CA GLN B 175 -9.37 8.97 38.13
C GLN B 175 -10.71 8.90 37.42
N CYS B 176 -11.75 8.54 38.17
CA CYS B 176 -13.16 8.59 37.71
C CYS B 176 -13.53 7.58 36.65
N ILE B 177 -12.64 7.35 35.71
CA ILE B 177 -13.03 6.56 34.54
C ILE B 177 -12.85 5.04 34.66
N ASP B 178 -12.21 4.57 35.74
CA ASP B 178 -11.98 3.13 35.99
C ASP B 178 -12.79 2.57 37.15
N SER C 6 -13.36 -29.15 -31.21
CA SER C 6 -12.61 -28.38 -32.23
C SER C 6 -12.83 -26.85 -32.12
N ASP C 7 -14.02 -26.44 -31.67
CA ASP C 7 -14.34 -25.02 -31.48
C ASP C 7 -13.63 -24.48 -30.26
N LEU C 8 -13.21 -23.21 -30.29
CA LEU C 8 -12.40 -22.63 -29.20
C LEU C 8 -12.98 -21.35 -28.65
N ILE C 9 -12.83 -21.14 -27.34
CA ILE C 9 -13.15 -19.83 -26.76
C ILE C 9 -12.11 -18.85 -27.30
N PRO C 10 -12.54 -17.67 -27.74
CA PRO C 10 -11.56 -16.81 -28.41
C PRO C 10 -10.51 -16.27 -27.45
N ALA C 11 -9.30 -16.01 -27.95
CA ALA C 11 -8.33 -15.32 -27.12
C ALA C 11 -8.89 -13.94 -26.76
N PRO C 12 -8.60 -13.45 -25.53
CA PRO C 12 -9.08 -12.14 -25.15
C PRO C 12 -8.30 -11.05 -25.90
N PRO C 13 -8.87 -9.84 -25.99
CA PRO C 13 -8.01 -8.75 -26.46
C PRO C 13 -6.92 -8.44 -25.46
N LEU C 14 -5.74 -8.10 -25.97
CA LEU C 14 -4.59 -7.78 -25.11
C LEU C 14 -4.85 -6.62 -24.14
N SER C 15 -5.76 -5.72 -24.51
CA SER C 15 -6.18 -4.65 -23.63
C SER C 15 -6.75 -5.16 -22.31
N LYS C 16 -7.14 -6.42 -22.25
CA LYS C 16 -7.69 -6.98 -21.01
C LYS C 16 -6.66 -7.77 -20.20
N VAL C 17 -5.43 -7.87 -20.71
CA VAL C 17 -4.37 -8.59 -20.02
C VAL C 17 -3.28 -7.61 -19.53
N PRO C 18 -3.32 -7.24 -18.24
CA PRO C 18 -2.29 -6.32 -17.67
C PRO C 18 -0.85 -6.85 -17.84
N LEU C 19 0.09 -5.91 -17.80
CA LEU C 19 1.50 -6.22 -17.90
C LEU C 19 2.10 -5.72 -16.59
N GLN C 20 2.80 -6.59 -15.89
CA GLN C 20 3.46 -6.18 -14.66
C GLN C 20 4.34 -4.94 -14.91
N GLN C 21 4.08 -3.84 -14.20
CA GLN C 21 4.85 -2.60 -14.33
C GLN C 21 6.32 -2.81 -13.91
N ASN C 22 7.28 -2.24 -14.66
CA ASN C 22 8.72 -2.28 -14.29
C ASN C 22 9.23 -3.71 -13.94
N PHE C 23 8.96 -4.65 -14.86
CA PHE C 23 9.32 -6.02 -14.70
C PHE C 23 10.81 -6.19 -14.40
N GLN C 24 11.12 -7.02 -13.41
CA GLN C 24 12.50 -7.28 -13.01
C GLN C 24 12.92 -8.70 -13.41
N ASP C 25 13.61 -8.81 -14.53
CA ASP C 25 13.95 -10.11 -15.05
C ASP C 25 14.82 -10.98 -14.10
N ASN C 26 15.80 -10.36 -13.43
CA ASN C 26 16.65 -11.07 -12.44
C ASN C 26 15.85 -11.64 -11.23
N GLN C 27 14.78 -10.95 -10.85
CA GLN C 27 14.02 -11.34 -9.67
C GLN C 27 13.02 -12.40 -10.05
N PHE C 28 12.68 -12.46 -11.33
CA PHE C 28 11.69 -13.42 -11.78
C PHE C 28 12.23 -14.84 -11.98
N GLN C 29 13.56 -14.96 -12.07
CA GLN C 29 14.18 -16.22 -12.41
C GLN C 29 14.08 -17.26 -11.29
N GLY C 30 14.47 -18.49 -11.58
CA GLY C 30 14.40 -19.58 -10.58
C GLY C 30 13.24 -20.52 -10.83
N LYS C 31 12.95 -21.36 -9.85
CA LYS C 31 11.90 -22.35 -9.93
C LYS C 31 10.51 -21.78 -9.54
N TRP C 32 9.51 -22.04 -10.38
CA TRP C 32 8.12 -21.82 -10.01
C TRP C 32 7.31 -23.09 -10.13
N TYR C 33 6.41 -23.34 -9.18
CA TYR C 33 5.46 -24.44 -9.28
C TYR C 33 4.19 -23.95 -9.90
N VAL C 34 3.58 -24.79 -10.75
CA VAL C 34 2.33 -24.39 -11.39
C VAL C 34 1.19 -24.75 -10.46
N VAL C 35 0.74 -23.77 -9.69
CA VAL C 35 -0.29 -23.93 -8.68
C VAL C 35 -1.74 -23.76 -9.21
N GLY C 36 -1.90 -23.08 -10.35
CA GLY C 36 -3.21 -22.97 -10.98
C GLY C 36 -3.01 -22.81 -12.49
N LEU C 37 -3.96 -23.32 -13.25
CA LEU C 37 -3.79 -23.40 -14.68
C LEU C 37 -5.15 -23.22 -15.35
N ALA C 38 -5.22 -22.34 -16.34
CA ALA C 38 -6.49 -22.09 -17.04
C ALA C 38 -6.25 -21.74 -18.53
N GLY C 39 -7.19 -22.09 -19.41
CA GLY C 39 -7.06 -21.73 -20.81
C GLY C 39 -8.13 -22.35 -21.69
N ASN C 40 -8.13 -21.99 -22.97
CA ASN C 40 -9.18 -22.48 -23.82
C ASN C 40 -9.01 -23.93 -24.28
N ALA C 41 -7.84 -24.50 -24.09
CA ALA C 41 -7.66 -25.94 -24.35
C ALA C 41 -7.45 -26.74 -23.06
N ILE C 42 -7.64 -26.09 -21.90
CA ILE C 42 -7.49 -26.71 -20.59
C ILE C 42 -8.87 -27.10 -20.08
N LEU C 43 -9.05 -28.36 -19.68
CA LEU C 43 -10.31 -28.78 -19.09
C LEU C 43 -10.09 -29.53 -17.79
N ARG C 44 -10.90 -29.21 -16.78
CA ARG C 44 -10.91 -29.98 -15.55
C ARG C 44 -11.46 -31.37 -15.85
N GLU C 45 -10.63 -32.37 -15.58
CA GLU C 45 -11.03 -33.78 -15.69
C GLU C 45 -11.00 -34.37 -14.27
N ASP C 46 -12.19 -34.49 -13.65
CA ASP C 46 -12.34 -35.04 -12.30
C ASP C 46 -12.02 -36.54 -12.23
N LYS C 47 -12.21 -37.24 -13.36
CA LYS C 47 -11.81 -38.65 -13.51
C LYS C 47 -10.37 -38.85 -13.01
N ASP C 48 -9.44 -38.05 -13.53
CA ASP C 48 -8.05 -38.02 -13.02
C ASP C 48 -7.42 -36.60 -13.11
N PRO C 49 -7.31 -35.92 -11.95
CA PRO C 49 -6.88 -34.53 -11.87
C PRO C 49 -5.47 -34.30 -12.42
N GLN C 50 -5.30 -33.16 -13.06
CA GLN C 50 -3.99 -32.71 -13.48
C GLN C 50 -2.99 -32.69 -12.29
N LYS C 51 -1.80 -33.21 -12.51
CA LYS C 51 -0.77 -33.14 -11.49
C LYS C 51 0.04 -31.85 -11.64
N MET C 52 0.50 -31.34 -10.49
CA MET C 52 1.38 -30.18 -10.42
C MET C 52 2.65 -30.46 -11.22
N TYR C 53 3.12 -29.44 -11.93
CA TYR C 53 4.43 -29.53 -12.58
C TYR C 53 5.16 -28.26 -12.21
N ALA C 54 6.41 -28.14 -12.66
CA ALA C 54 7.24 -26.98 -12.35
C ALA C 54 8.01 -26.47 -13.55
N THR C 55 8.36 -25.19 -13.46
CA THR C 55 9.06 -24.49 -14.53
C THR C 55 10.20 -23.62 -13.90
N ILE C 56 11.42 -23.85 -14.39
CA ILE C 56 12.61 -23.09 -14.04
C ILE C 56 12.99 -22.05 -15.13
N TYR C 57 13.06 -20.78 -14.73
CA TYR C 57 13.50 -19.69 -15.62
C TYR C 57 14.96 -19.33 -15.31
N GLU C 58 15.88 -19.57 -16.24
CA GLU C 58 17.29 -19.20 -16.03
C GLU C 58 17.65 -18.06 -16.95
N LEU C 59 18.03 -16.94 -16.35
CA LEU C 59 18.36 -15.75 -17.08
C LEU C 59 19.78 -15.91 -17.69
N LYS C 60 19.89 -15.76 -19.02
CA LYS C 60 21.18 -15.91 -19.69
C LYS C 60 21.86 -14.56 -19.74
N GLU C 61 23.18 -14.55 -19.95
CA GLU C 61 23.98 -13.31 -20.12
C GLU C 61 23.35 -12.43 -21.19
N ASP C 62 22.75 -13.03 -22.21
CA ASP C 62 22.12 -12.24 -23.29
C ASP C 62 20.69 -11.76 -23.01
N LYS C 63 20.16 -12.06 -21.81
CA LYS C 63 18.90 -11.51 -21.29
C LYS C 63 17.66 -12.33 -21.69
N SER C 64 17.88 -13.40 -22.45
CA SER C 64 16.79 -14.32 -22.70
C SER C 64 16.77 -15.35 -21.58
N TYR C 65 15.68 -16.10 -21.46
CA TYR C 65 15.59 -17.20 -20.48
C TYR C 65 15.64 -18.55 -21.19
N ASN C 66 16.45 -19.47 -20.68
CA ASN C 66 16.22 -20.89 -20.91
C ASN C 66 15.17 -21.36 -19.91
N VAL C 67 14.12 -21.97 -20.45
CA VAL C 67 12.95 -22.31 -19.68
C VAL C 67 12.76 -23.82 -19.71
N THR C 68 12.88 -24.47 -18.54
CA THR C 68 12.73 -25.90 -18.42
C THR C 68 11.51 -26.23 -17.58
N SER C 69 10.62 -27.09 -18.11
CA SER C 69 9.49 -27.59 -17.34
C SER C 69 9.60 -29.07 -17.12
N VAL C 70 9.11 -29.55 -15.98
CA VAL C 70 9.14 -30.98 -15.73
C VAL C 70 7.80 -31.43 -15.17
N LEU C 71 7.33 -32.57 -15.68
CA LEU C 71 6.03 -33.11 -15.34
C LEU C 71 6.16 -34.62 -15.10
N PHE C 72 5.27 -35.18 -14.30
CA PHE C 72 5.25 -36.59 -14.08
C PHE C 72 4.13 -37.21 -14.91
N ARG C 73 4.44 -37.96 -15.96
CA ARG C 73 3.44 -38.62 -16.82
C ARG C 73 3.93 -40.01 -17.19
N LYS C 74 3.01 -40.97 -17.18
CA LYS C 74 3.26 -42.34 -17.61
C LYS C 74 4.49 -42.84 -16.90
N LYS C 75 4.58 -42.53 -15.60
CA LYS C 75 5.62 -43.05 -14.70
C LYS C 75 7.03 -42.51 -15.00
N LYS C 76 7.11 -41.46 -15.81
CA LYS C 76 8.39 -40.81 -16.09
C LYS C 76 8.38 -39.32 -15.82
N CYS C 77 9.58 -38.76 -15.73
CA CYS C 77 9.77 -37.31 -15.72
C CYS C 77 9.93 -36.81 -17.16
N ASP C 78 9.01 -35.95 -17.59
CA ASP C 78 9.05 -35.30 -18.92
C ASP C 78 9.53 -33.88 -18.79
N TYR C 79 10.62 -33.62 -19.49
CA TYR C 79 11.24 -32.31 -19.52
C TYR C 79 10.99 -31.64 -20.86
N TRP C 80 10.73 -30.35 -20.85
CA TRP C 80 10.83 -29.60 -22.08
C TRP C 80 11.46 -28.28 -21.87
N ILE C 81 12.32 -27.92 -22.81
CA ILE C 81 13.14 -26.75 -22.70
C ILE C 81 12.80 -25.86 -23.88
N ARG C 82 12.57 -24.57 -23.61
CA ARG C 82 12.36 -23.57 -24.66
CA ARG C 82 12.31 -23.57 -24.65
C ARG C 82 13.12 -22.31 -24.33
N THR C 83 13.27 -21.42 -25.30
CA THR C 83 13.96 -20.16 -25.06
C THR C 83 12.94 -19.02 -25.14
N PHE C 84 12.92 -18.18 -24.12
CA PHE C 84 12.07 -16.99 -24.14
C PHE C 84 12.98 -15.78 -24.39
N VAL C 85 12.69 -15.05 -25.46
CA VAL C 85 13.49 -13.93 -25.91
C VAL C 85 12.68 -12.70 -25.52
N PRO C 86 13.32 -11.66 -24.96
CA PRO C 86 12.52 -10.49 -24.54
C PRO C 86 11.69 -9.95 -25.68
N GLY C 87 10.42 -9.63 -25.41
CA GLY C 87 9.55 -9.07 -26.43
C GLY C 87 9.54 -7.57 -26.44
N SER C 88 8.44 -7.02 -26.92
CA SER C 88 8.30 -5.60 -27.17
C SER C 88 8.41 -4.75 -25.94
N GLN C 89 8.00 -5.28 -24.79
CA GLN C 89 8.08 -4.57 -23.50
C GLN C 89 8.59 -5.49 -22.42
N PRO C 90 9.27 -4.91 -21.39
CA PRO C 90 9.79 -5.69 -20.27
C PRO C 90 8.64 -6.47 -19.66
N GLY C 91 8.84 -7.78 -19.52
CA GLY C 91 7.78 -8.63 -19.04
C GLY C 91 7.12 -9.43 -20.15
N GLU C 92 7.41 -9.10 -21.42
CA GLU C 92 6.92 -9.92 -22.51
C GLU C 92 8.02 -10.75 -23.15
N PHE C 93 7.62 -11.86 -23.73
CA PHE C 93 8.56 -12.77 -24.34
C PHE C 93 7.98 -13.42 -25.57
N THR C 94 8.86 -13.70 -26.52
CA THR C 94 8.55 -14.47 -27.69
C THR C 94 9.41 -15.74 -27.67
N LEU C 95 9.07 -16.70 -28.53
CA LEU C 95 9.77 -18.01 -28.56
C LEU C 95 11.01 -17.94 -29.43
N GLY C 96 12.18 -18.25 -28.90
CA GLY C 96 13.36 -18.38 -29.76
C GLY C 96 13.26 -19.60 -30.67
N ASN C 97 13.79 -19.50 -31.87
CA ASN C 97 13.87 -20.65 -32.80
C ASN C 97 12.50 -21.21 -33.12
N ILE C 98 11.55 -20.31 -33.35
CA ILE C 98 10.16 -20.67 -33.62
C ILE C 98 10.01 -21.59 -34.85
N LYS C 99 10.84 -21.37 -35.89
CA LYS C 99 10.72 -22.10 -37.16
C LYS C 99 11.04 -23.58 -36.93
N SER C 100 11.68 -23.90 -35.81
CA SER C 100 11.92 -25.30 -35.49
C SER C 100 10.76 -25.99 -34.74
N TYR C 101 9.66 -25.29 -34.52
CA TYR C 101 8.40 -25.90 -34.01
C TYR C 101 7.37 -26.02 -35.12
N PRO C 102 7.20 -27.24 -35.65
CA PRO C 102 6.29 -27.47 -36.79
C PRO C 102 4.86 -27.03 -36.45
N GLY C 103 4.27 -26.24 -37.34
CA GLY C 103 2.90 -25.72 -37.23
C GLY C 103 2.73 -24.47 -36.38
N LEU C 104 3.80 -24.00 -35.75
CA LEU C 104 3.71 -22.90 -34.78
C LEU C 104 4.01 -21.57 -35.44
N THR C 105 3.05 -20.65 -35.49
CA THR C 105 3.36 -19.43 -36.22
C THR C 105 3.41 -18.25 -35.33
N SER C 106 3.13 -18.45 -34.05
CA SER C 106 3.02 -17.33 -33.18
C SER C 106 3.02 -17.80 -31.74
N TYR C 107 3.67 -17.04 -30.86
CA TYR C 107 3.85 -17.41 -29.47
C TYR C 107 4.19 -16.17 -28.67
N LEU C 108 3.41 -15.84 -27.67
CA LEU C 108 3.64 -14.62 -26.90
C LEU C 108 3.50 -14.94 -25.42
N VAL C 109 4.41 -14.43 -24.61
CA VAL C 109 4.29 -14.55 -23.17
C VAL C 109 4.19 -13.14 -22.57
N ARG C 110 3.28 -12.96 -21.61
CA ARG C 110 3.17 -11.69 -20.89
C ARG C 110 2.96 -11.91 -19.37
N VAL C 111 3.89 -11.43 -18.56
CA VAL C 111 3.76 -11.54 -17.11
C VAL C 111 2.73 -10.50 -16.64
N VAL C 112 1.62 -10.97 -16.06
CA VAL C 112 0.54 -10.08 -15.66
C VAL C 112 0.82 -9.38 -14.33
N SER C 113 1.22 -10.15 -13.33
CA SER C 113 1.54 -9.63 -12.02
C SER C 113 2.42 -10.63 -11.28
N THR C 114 3.34 -10.12 -10.50
CA THR C 114 4.11 -11.00 -9.65
C THR C 114 4.61 -10.16 -8.50
N ASN C 115 4.84 -10.77 -7.35
CA ASN C 115 5.67 -10.10 -6.34
C ASN C 115 7.02 -10.80 -6.25
N TYR C 116 7.33 -11.71 -7.19
CA TYR C 116 8.70 -12.29 -7.32
C TYR C 116 9.10 -13.41 -6.34
N ASN C 117 8.73 -13.24 -5.07
CA ASN C 117 9.16 -14.17 -4.04
C ASN C 117 8.02 -15.08 -3.52
N GLN C 118 6.80 -14.89 -4.01
CA GLN C 118 5.67 -15.75 -3.66
C GLN C 118 4.89 -16.24 -4.88
N HIS C 119 4.37 -15.30 -5.67
CA HIS C 119 3.41 -15.69 -6.70
C HIS C 119 3.61 -14.94 -7.96
N ALA C 120 3.16 -15.54 -9.06
CA ALA C 120 3.04 -14.85 -10.33
C ALA C 120 1.89 -15.39 -11.13
N MET C 121 1.40 -14.50 -12.00
CA MET C 121 0.36 -14.82 -12.96
C MET C 121 0.89 -14.44 -14.35
N VAL C 122 0.83 -15.39 -15.28
CA VAL C 122 1.43 -15.21 -16.57
C VAL C 122 0.53 -15.70 -17.69
N PHE C 123 0.44 -14.89 -18.74
CA PHE C 123 -0.48 -15.11 -19.84
C PHE C 123 0.35 -15.59 -21.02
N PHE C 124 -0.18 -16.57 -21.75
CA PHE C 124 0.46 -17.18 -22.91
C PHE C 124 -0.59 -17.27 -24.03
N LYS C 125 -0.17 -16.99 -25.25
CA LYS C 125 -1.02 -17.12 -26.39
C LYS C 125 -0.13 -17.67 -27.51
N LYS C 126 -0.65 -18.62 -28.27
CA LYS C 126 0.06 -19.12 -29.44
C LYS C 126 -0.91 -19.46 -30.58
N VAL C 127 -0.40 -19.48 -31.80
CA VAL C 127 -1.20 -19.91 -32.93
C VAL C 127 -0.51 -21.15 -33.46
N SER C 128 -1.25 -22.25 -33.45
CA SER C 128 -0.68 -23.53 -33.77
C SER C 128 -1.62 -24.27 -34.69
N GLN C 129 -1.11 -24.74 -35.83
CA GLN C 129 -1.97 -25.21 -36.94
C GLN C 129 -3.14 -24.24 -37.14
N ASN C 130 -2.83 -22.95 -37.12
CA ASN C 130 -3.79 -21.87 -37.34
C ASN C 130 -4.87 -21.74 -36.27
N ARG C 131 -4.77 -22.46 -35.16
CA ARG C 131 -5.71 -22.32 -34.06
C ARG C 131 -5.09 -21.53 -32.93
N GLU C 132 -5.90 -20.68 -32.33
CA GLU C 132 -5.39 -19.74 -31.39
C GLU C 132 -5.68 -20.17 -29.94
N TYR C 133 -4.63 -20.56 -29.21
CA TYR C 133 -4.76 -21.00 -27.85
C TYR C 133 -4.23 -19.96 -26.88
N PHE C 134 -4.82 -19.89 -25.70
CA PHE C 134 -4.28 -19.07 -24.68
C PHE C 134 -4.46 -19.78 -23.36
N LYS C 135 -3.53 -19.54 -22.44
CA LYS C 135 -3.64 -20.01 -21.09
C LYS C 135 -3.04 -19.00 -20.12
N ILE C 136 -3.45 -19.14 -18.86
CA ILE C 136 -2.88 -18.36 -17.77
C ILE C 136 -2.37 -19.35 -16.74
N THR C 137 -1.14 -19.17 -16.30
CA THR C 137 -0.66 -20.02 -15.22
C THR C 137 -0.55 -19.19 -13.96
N LEU C 138 -0.90 -19.81 -12.82
CA LEU C 138 -0.68 -19.20 -11.53
C LEU C 138 0.53 -19.89 -10.93
N TYR C 139 1.63 -19.15 -10.77
CA TYR C 139 2.90 -19.71 -10.31
C TYR C 139 3.08 -19.44 -8.82
N GLY C 140 3.74 -20.38 -8.11
CA GLY C 140 4.04 -20.25 -6.68
C GLY C 140 5.49 -20.59 -6.43
N ARG C 141 6.19 -19.86 -5.55
CA ARG C 141 7.52 -20.33 -5.17
C ARG C 141 7.39 -21.54 -4.29
N THR C 142 6.22 -21.75 -3.68
CA THR C 142 5.94 -22.99 -2.94
C THR C 142 4.70 -23.63 -3.56
N LYS C 143 4.33 -24.83 -3.10
CA LYS C 143 3.21 -25.59 -3.65
C LYS C 143 1.91 -25.14 -3.05
N GLU C 144 1.95 -24.35 -1.98
CA GLU C 144 0.74 -24.06 -1.20
C GLU C 144 -0.03 -22.87 -1.76
N LEU C 145 -1.37 -22.94 -1.70
CA LEU C 145 -2.26 -21.91 -2.23
C LEU C 145 -3.05 -21.26 -1.09
N THR C 146 -3.24 -19.94 -1.11
CA THR C 146 -4.23 -19.31 -0.23
C THR C 146 -5.53 -19.11 -1.01
N SER C 147 -6.64 -19.08 -0.31
CA SER C 147 -7.91 -18.73 -0.90
C SER C 147 -7.91 -17.43 -1.73
N GLU C 148 -7.34 -16.37 -1.18
CA GLU C 148 -7.39 -15.05 -1.83
C GLU C 148 -6.72 -15.11 -3.22
N LEU C 149 -5.57 -15.78 -3.29
CA LEU C 149 -4.81 -15.99 -4.54
C LEU C 149 -5.62 -16.80 -5.56
N LYS C 150 -6.15 -17.92 -5.09
CA LYS C 150 -7.00 -18.80 -5.83
C LYS C 150 -8.20 -18.05 -6.45
N GLU C 151 -8.98 -17.37 -5.60
CA GLU C 151 -10.11 -16.58 -6.06
C GLU C 151 -9.72 -15.47 -7.05
N ASN C 152 -8.61 -14.83 -6.77
CA ASN C 152 -8.07 -13.85 -7.67
C ASN C 152 -7.86 -14.38 -9.09
N PHE C 153 -7.33 -15.59 -9.15
CA PHE C 153 -6.97 -16.21 -10.38
C PHE C 153 -8.25 -16.65 -11.14
N ILE C 154 -9.22 -17.16 -10.40
CA ILE C 154 -10.52 -17.46 -11.00
C ILE C 154 -11.17 -16.21 -11.60
N ARG C 155 -11.20 -15.09 -10.85
CA ARG C 155 -11.86 -13.85 -11.31
C ARG C 155 -11.14 -13.38 -12.56
N PHE C 156 -9.82 -13.50 -12.56
CA PHE C 156 -9.07 -13.05 -13.70
C PHE C 156 -9.32 -13.92 -14.92
N SER C 157 -9.31 -15.25 -14.71
CA SER C 157 -9.57 -16.20 -15.76
C SER C 157 -10.96 -15.98 -16.35
N LYS C 158 -11.96 -15.78 -15.50
CA LYS C 158 -13.30 -15.51 -15.99
C LYS C 158 -13.36 -14.20 -16.77
N SER C 159 -12.61 -13.17 -16.34
CA SER C 159 -12.62 -11.88 -17.03
C SER C 159 -12.09 -12.06 -18.44
N LEU C 160 -11.35 -13.15 -18.67
CA LEU C 160 -10.87 -13.40 -20.04
C LEU C 160 -11.81 -14.35 -20.81
N GLY C 161 -12.97 -14.67 -20.23
CA GLY C 161 -13.97 -15.40 -20.97
C GLY C 161 -13.96 -16.92 -20.72
N LEU C 162 -13.23 -17.35 -19.69
CA LEU C 162 -13.13 -18.77 -19.36
C LEU C 162 -14.09 -19.12 -18.25
N PRO C 163 -14.97 -20.13 -18.50
CA PRO C 163 -15.86 -20.69 -17.46
C PRO C 163 -15.07 -21.57 -16.53
N GLU C 164 -15.67 -21.85 -15.38
CA GLU C 164 -15.00 -22.55 -14.26
C GLU C 164 -14.42 -23.93 -14.63
N ASN C 165 -14.96 -24.58 -15.67
CA ASN C 165 -14.48 -25.92 -16.06
C ASN C 165 -13.22 -25.88 -16.95
N HIS C 166 -12.78 -24.66 -17.29
CA HIS C 166 -11.49 -24.45 -17.98
C HIS C 166 -10.41 -23.95 -17.05
N ILE C 167 -10.66 -24.09 -15.74
CA ILE C 167 -9.74 -23.63 -14.69
C ILE C 167 -9.38 -24.79 -13.76
N VAL C 168 -8.09 -25.06 -13.60
CA VAL C 168 -7.62 -26.25 -12.88
C VAL C 168 -6.63 -25.87 -11.78
N PHE C 169 -6.62 -26.64 -10.71
CA PHE C 169 -5.65 -26.46 -9.65
C PHE C 169 -4.87 -27.75 -9.49
N PRO C 170 -3.73 -27.86 -10.20
CA PRO C 170 -2.99 -29.12 -10.22
C PRO C 170 -2.69 -29.59 -8.79
N VAL C 171 -2.73 -30.89 -8.60
CA VAL C 171 -2.53 -31.50 -7.28
C VAL C 171 -1.03 -31.57 -6.99
N PRO C 172 -0.61 -31.13 -5.78
CA PRO C 172 0.82 -31.19 -5.39
C PRO C 172 1.28 -32.63 -5.43
N ILE C 173 2.43 -32.91 -6.02
CA ILE C 173 3.05 -34.24 -5.97
C ILE C 173 4.51 -34.11 -5.59
N ASP C 174 5.19 -35.21 -5.37
CA ASP C 174 6.62 -35.15 -5.01
C ASP C 174 7.57 -35.58 -6.13
N GLN C 175 7.12 -36.45 -7.02
CA GLN C 175 7.96 -36.90 -8.10
C GLN C 175 8.31 -35.77 -9.07
N CYS C 176 9.56 -35.77 -9.52
CA CYS C 176 10.04 -34.95 -10.65
C CYS C 176 10.26 -33.51 -10.30
N ILE C 177 9.35 -32.90 -9.56
CA ILE C 177 9.37 -31.43 -9.38
C ILE C 177 10.18 -30.93 -8.17
N ASP C 178 10.58 -31.86 -7.29
CA ASP C 178 11.63 -31.63 -6.27
C ASP C 178 12.69 -32.72 -6.39
#